data_2GGZ
#
_entry.id   2GGZ
#
_cell.length_a   88.190
_cell.length_b   88.190
_cell.length_c   71.020
_cell.angle_alpha   90.00
_cell.angle_beta   90.00
_cell.angle_gamma   90.00
#
_symmetry.space_group_name_H-M   'P 43'
#
loop_
_entity.id
_entity.type
_entity.pdbx_description
1 polymer 'Guanylyl cyclase-activating protein 3'
2 non-polymer 'CALCIUM ION'
#
_entity_poly.entity_id   1
_entity_poly.type   'polypeptide(L)'
_entity_poly.pdbx_seq_one_letter_code
;GHMGNGKSIAGDQKAVPTQETHVWYRTFMMEYPSGLQTLHEFKTLLGLQGLNQKANKHIDQVYNTFDTNKDGFVDFLEFI
AAVNLIMQEKMEQKLKWYFKLYDADGNGSIDKNELLDMFMAVQALNGQQTLSPEEFINLVFHKIDINNDGELTLEEFING
MAKDQDLLEIVYKSFDFSNVLRVICNGKQPDMETDSSKSPDKAGLGKVKMK
;
_entity_poly.pdbx_strand_id   A,B
#
loop_
_chem_comp.id
_chem_comp.type
_chem_comp.name
_chem_comp.formula
CA non-polymer 'CALCIUM ION' 'Ca 2'
#
# COMPACT_ATOMS: atom_id res chain seq x y z
N TRP A 24 -8.88 24.86 -23.44
CA TRP A 24 -8.58 24.00 -24.61
C TRP A 24 -7.13 23.60 -24.46
N TYR A 25 -6.85 22.31 -24.43
CA TYR A 25 -5.48 21.89 -24.22
C TYR A 25 -4.52 22.08 -25.38
N ARG A 26 -4.87 23.03 -26.24
CA ARG A 26 -4.06 23.44 -27.38
C ARG A 26 -3.53 24.79 -26.90
N THR A 27 -2.88 24.70 -25.76
CA THR A 27 -2.20 25.76 -25.06
C THR A 27 -0.86 25.07 -25.12
N PHE A 28 -0.91 23.87 -25.71
CA PHE A 28 0.25 23.00 -25.94
C PHE A 28 0.92 23.61 -27.16
N MET A 29 0.09 23.93 -28.16
CA MET A 29 0.57 24.55 -29.36
C MET A 29 1.20 25.90 -29.04
N MET A 30 0.72 26.54 -27.97
CA MET A 30 1.24 27.84 -27.55
C MET A 30 2.72 27.73 -27.20
N GLU A 31 3.02 26.77 -26.33
CA GLU A 31 4.38 26.50 -25.88
C GLU A 31 5.23 25.80 -26.93
N TYR A 32 4.60 24.95 -27.73
CA TYR A 32 5.30 24.19 -28.75
C TYR A 32 4.67 24.36 -30.12
N PRO A 33 4.83 25.55 -30.73
CA PRO A 33 4.30 25.89 -32.04
C PRO A 33 4.63 24.91 -33.14
N SER A 34 5.71 24.16 -33.01
CA SER A 34 6.07 23.18 -34.02
C SER A 34 5.15 21.96 -33.92
N GLY A 35 4.51 21.81 -32.78
CA GLY A 35 3.61 20.70 -32.57
C GLY A 35 4.27 19.61 -31.75
N LEU A 36 5.53 19.81 -31.38
CA LEU A 36 6.25 18.81 -30.61
C LEU A 36 7.11 19.40 -29.53
N GLN A 37 7.15 18.72 -28.39
CA GLN A 37 7.97 19.12 -27.26
C GLN A 37 9.11 18.12 -27.24
N THR A 38 10.31 18.60 -26.95
CA THR A 38 11.47 17.73 -26.94
C THR A 38 12.00 17.52 -25.53
N LEU A 39 12.73 16.42 -25.34
CA LEU A 39 13.32 16.10 -24.04
C LEU A 39 14.03 17.28 -23.41
N HIS A 40 14.65 18.12 -24.24
CA HIS A 40 15.35 19.27 -23.70
C HIS A 40 14.38 20.29 -23.12
N GLU A 41 13.32 20.60 -23.88
CA GLU A 41 12.32 21.55 -23.42
C GLU A 41 11.67 20.99 -22.16
N PHE A 42 11.46 19.69 -22.18
CA PHE A 42 10.88 18.99 -21.04
C PHE A 42 11.68 19.39 -19.80
N LYS A 43 12.97 19.07 -19.79
CA LYS A 43 13.83 19.38 -18.65
C LYS A 43 13.79 20.83 -18.25
N THR A 44 13.86 21.71 -19.24
CA THR A 44 13.85 23.12 -18.94
C THR A 44 12.54 23.46 -18.25
N LEU A 45 11.44 23.13 -18.91
CA LEU A 45 10.11 23.40 -18.39
C LEU A 45 9.95 22.94 -16.96
N LEU A 46 10.57 21.81 -16.64
CA LEU A 46 10.43 21.29 -15.30
C LEU A 46 11.64 21.58 -14.43
N GLY A 47 12.37 22.64 -14.74
CA GLY A 47 13.54 22.96 -13.94
C GLY A 47 14.60 21.86 -13.91
N LEU A 48 14.23 20.65 -14.35
CA LEU A 48 15.11 19.47 -14.38
C LEU A 48 16.31 19.66 -15.32
N GLN A 49 16.82 20.88 -15.40
CA GLN A 49 17.96 21.15 -16.25
C GLN A 49 19.21 21.26 -15.39
N GLY A 50 20.29 20.60 -15.83
CA GLY A 50 21.54 20.67 -15.08
C GLY A 50 21.84 19.54 -14.10
N LEU A 51 21.02 18.50 -14.09
CA LEU A 51 21.27 17.39 -13.18
C LEU A 51 22.58 16.69 -13.49
N ASN A 52 23.05 15.86 -12.56
CA ASN A 52 24.30 15.14 -12.74
C ASN A 52 24.11 13.98 -13.71
N GLN A 53 25.07 13.08 -13.77
CA GLN A 53 24.96 11.95 -14.69
C GLN A 53 23.69 11.14 -14.41
N LYS A 54 23.56 10.60 -13.19
CA LYS A 54 22.41 9.78 -12.80
C LYS A 54 21.08 10.53 -12.73
N ALA A 55 21.05 11.64 -11.98
CA ALA A 55 19.83 12.41 -11.85
C ALA A 55 19.29 12.76 -13.23
N ASN A 56 20.19 12.98 -14.18
CA ASN A 56 19.81 13.31 -15.54
C ASN A 56 19.36 12.05 -16.27
N LYS A 57 20.27 11.11 -16.49
CA LYS A 57 19.91 9.87 -17.15
C LYS A 57 18.52 9.42 -16.73
N HIS A 58 18.21 9.59 -15.45
CA HIS A 58 16.90 9.21 -14.91
C HIS A 58 15.78 10.08 -15.49
N ILE A 59 15.94 11.40 -15.41
CA ILE A 59 14.94 12.30 -15.96
C ILE A 59 14.62 11.86 -17.39
N ASP A 60 15.62 11.38 -18.09
CA ASP A 60 15.46 10.91 -19.48
C ASP A 60 14.61 9.66 -19.53
N GLN A 61 14.73 8.81 -18.51
CA GLN A 61 13.95 7.57 -18.43
C GLN A 61 12.48 7.95 -18.25
N VAL A 62 12.26 8.98 -17.44
CA VAL A 62 10.93 9.47 -17.18
C VAL A 62 10.34 9.98 -18.47
N TYR A 63 11.04 10.91 -19.10
CA TYR A 63 10.58 11.49 -20.36
C TYR A 63 10.25 10.41 -21.34
N ASN A 64 10.99 9.33 -21.32
CA ASN A 64 10.69 8.29 -22.28
C ASN A 64 9.33 7.65 -22.11
N THR A 65 8.99 7.30 -20.88
CA THR A 65 7.70 6.67 -20.63
C THR A 65 6.55 7.49 -21.24
N PHE A 66 6.74 8.81 -21.37
CA PHE A 66 5.70 9.68 -21.93
C PHE A 66 5.69 9.74 -23.45
N ASP A 67 6.87 9.69 -24.05
CA ASP A 67 6.96 9.71 -25.49
C ASP A 67 6.75 8.28 -25.90
N THR A 68 5.50 7.83 -25.80
CA THR A 68 5.14 6.46 -26.11
C THR A 68 5.54 5.93 -27.47
N ASN A 69 5.37 6.71 -28.54
CA ASN A 69 5.74 6.23 -29.86
C ASN A 69 7.23 6.33 -30.06
N LYS A 70 7.95 6.32 -28.96
CA LYS A 70 9.41 6.43 -28.93
C LYS A 70 10.06 7.08 -30.14
N ASP A 71 9.65 8.32 -30.46
CA ASP A 71 10.22 9.05 -31.60
C ASP A 71 11.10 10.18 -31.11
N GLY A 72 11.17 10.36 -29.79
CA GLY A 72 12.01 11.43 -29.25
C GLY A 72 11.29 12.71 -28.87
N PHE A 73 10.07 12.87 -29.36
CA PHE A 73 9.31 14.04 -29.04
C PHE A 73 8.08 13.64 -28.29
N VAL A 74 7.43 14.61 -27.71
CA VAL A 74 6.18 14.37 -27.05
C VAL A 74 5.20 15.17 -27.91
N ASP A 75 4.40 14.47 -28.71
CA ASP A 75 3.41 15.14 -29.58
C ASP A 75 2.10 15.21 -28.81
N PHE A 76 1.23 16.12 -29.22
CA PHE A 76 -0.03 16.34 -28.54
C PHE A 76 -0.71 15.09 -27.94
N LEU A 77 -0.79 14.02 -28.71
CA LEU A 77 -1.39 12.78 -28.22
C LEU A 77 -0.67 12.21 -27.01
N GLU A 78 0.66 12.22 -27.04
CA GLU A 78 1.40 11.69 -25.91
C GLU A 78 1.29 12.68 -24.78
N PHE A 79 1.18 13.94 -25.19
CA PHE A 79 1.08 15.04 -24.25
C PHE A 79 -0.18 14.93 -23.40
N ILE A 80 -1.31 14.72 -24.06
CA ILE A 80 -2.57 14.62 -23.34
C ILE A 80 -2.54 13.44 -22.41
N ALA A 81 -2.02 12.31 -22.88
CA ALA A 81 -1.95 11.13 -22.04
C ALA A 81 -1.16 11.45 -20.78
N ALA A 82 -0.18 12.31 -20.91
CA ALA A 82 0.63 12.70 -19.78
C ALA A 82 -0.16 13.58 -18.82
N VAL A 83 -0.81 14.62 -19.31
CA VAL A 83 -1.55 15.51 -18.41
C VAL A 83 -2.73 14.80 -17.79
N ASN A 84 -3.26 13.79 -18.47
CA ASN A 84 -4.39 13.03 -17.93
C ASN A 84 -3.89 12.38 -16.66
N LEU A 85 -2.71 11.77 -16.76
CA LEU A 85 -2.08 11.07 -15.67
C LEU A 85 -1.64 12.03 -14.59
N ILE A 86 -1.13 13.19 -14.99
CA ILE A 86 -0.71 14.17 -14.01
C ILE A 86 -1.88 14.67 -13.19
N MET A 87 -2.86 15.27 -13.85
CA MET A 87 -4.07 15.80 -13.20
C MET A 87 -4.85 14.74 -12.42
N GLN A 88 -4.43 13.49 -12.56
CA GLN A 88 -5.09 12.39 -11.89
C GLN A 88 -5.35 12.82 -10.45
N GLU A 89 -6.57 12.60 -9.99
CA GLU A 89 -6.91 12.95 -8.63
C GLU A 89 -6.53 11.73 -7.81
N LYS A 90 -6.79 10.57 -8.38
CA LYS A 90 -6.47 9.28 -7.76
C LYS A 90 -4.99 8.96 -7.89
N MET A 91 -4.40 8.38 -6.86
CA MET A 91 -2.99 8.04 -6.93
C MET A 91 -2.72 6.68 -7.55
N GLU A 92 -3.75 5.85 -7.63
CA GLU A 92 -3.57 4.54 -8.22
C GLU A 92 -2.84 4.59 -9.55
N GLN A 93 -3.30 5.43 -10.47
CA GLN A 93 -2.65 5.51 -11.76
C GLN A 93 -1.22 5.95 -11.69
N LYS A 94 -0.96 7.00 -10.92
CA LYS A 94 0.40 7.48 -10.79
C LYS A 94 1.31 6.38 -10.22
N LEU A 95 0.78 5.54 -9.33
CA LEU A 95 1.57 4.47 -8.74
C LEU A 95 1.92 3.38 -9.76
N LYS A 96 0.97 3.06 -10.63
CA LYS A 96 1.19 2.04 -11.66
C LYS A 96 2.31 2.60 -12.53
N TRP A 97 2.31 3.92 -12.67
CA TRP A 97 3.31 4.57 -13.48
C TRP A 97 4.69 4.44 -12.87
N TYR A 98 4.81 4.80 -11.60
CA TYR A 98 6.08 4.69 -10.92
C TYR A 98 6.50 3.24 -10.95
N PHE A 99 5.53 2.35 -10.81
CA PHE A 99 5.86 0.95 -10.83
C PHE A 99 6.49 0.49 -12.13
N LYS A 100 5.82 0.74 -13.26
CA LYS A 100 6.35 0.32 -14.56
C LYS A 100 7.71 0.98 -14.75
N LEU A 101 7.79 2.22 -14.28
CA LEU A 101 9.00 3.00 -14.39
C LEU A 101 10.17 2.37 -13.65
N TYR A 102 9.90 1.75 -12.51
CA TYR A 102 10.97 1.12 -11.73
C TYR A 102 11.16 -0.34 -12.08
N ASP A 103 10.09 -0.99 -12.57
CA ASP A 103 10.15 -2.38 -12.99
C ASP A 103 10.90 -2.35 -14.30
N ALA A 104 12.15 -1.90 -14.23
CA ALA A 104 13.03 -1.79 -15.39
C ALA A 104 12.97 -3.00 -16.32
N ASP A 105 13.28 -4.18 -15.81
CA ASP A 105 13.23 -5.35 -16.68
C ASP A 105 11.79 -5.82 -16.95
N GLY A 106 10.83 -4.92 -16.75
CA GLY A 106 9.42 -5.21 -16.98
C GLY A 106 8.94 -6.64 -16.80
N ASN A 107 9.49 -7.34 -15.81
CA ASN A 107 9.10 -8.72 -15.55
C ASN A 107 7.88 -8.78 -14.62
N GLY A 108 7.17 -7.65 -14.55
CA GLY A 108 5.99 -7.56 -13.70
C GLY A 108 6.31 -7.38 -12.23
N SER A 109 7.57 -7.55 -11.88
CA SER A 109 8.00 -7.43 -10.50
C SER A 109 9.12 -6.41 -10.31
N ILE A 110 9.22 -5.87 -9.09
CA ILE A 110 10.30 -4.96 -8.77
C ILE A 110 11.17 -5.73 -7.79
N ASP A 111 12.39 -6.06 -8.21
CA ASP A 111 13.34 -6.78 -7.35
C ASP A 111 14.10 -5.77 -6.51
N LYS A 112 15.01 -6.24 -5.65
CA LYS A 112 15.76 -5.34 -4.77
C LYS A 112 16.65 -4.37 -5.53
N ASN A 113 17.15 -4.80 -6.69
CA ASN A 113 18.02 -3.97 -7.51
C ASN A 113 17.26 -2.78 -8.09
N GLU A 114 16.21 -3.07 -8.83
CA GLU A 114 15.39 -2.05 -9.45
C GLU A 114 15.00 -1.00 -8.43
N LEU A 115 14.60 -1.45 -7.25
CA LEU A 115 14.20 -0.55 -6.17
C LEU A 115 15.43 0.19 -5.71
N LEU A 116 16.56 -0.50 -5.71
CA LEU A 116 17.80 0.13 -5.29
C LEU A 116 18.02 1.38 -6.14
N ASP A 117 18.09 1.17 -7.45
CA ASP A 117 18.28 2.28 -8.38
C ASP A 117 17.25 3.34 -8.11
N MET A 118 16.00 2.91 -8.04
CA MET A 118 14.90 3.81 -7.77
C MET A 118 15.32 4.75 -6.65
N PHE A 119 15.93 4.18 -5.60
CA PHE A 119 16.37 4.99 -4.47
C PHE A 119 17.54 5.87 -4.88
N MET A 120 18.46 5.31 -5.65
CA MET A 120 19.62 6.04 -6.12
C MET A 120 19.20 7.33 -6.80
N ALA A 121 18.39 7.20 -7.85
CA ALA A 121 17.91 8.34 -8.62
C ALA A 121 17.26 9.39 -7.72
N VAL A 122 16.47 8.95 -6.75
CA VAL A 122 15.82 9.87 -5.83
C VAL A 122 16.93 10.62 -5.13
N GLN A 123 17.93 9.86 -4.70
CA GLN A 123 19.10 10.39 -4.01
C GLN A 123 20.07 11.02 -5.00
N ALA A 124 19.76 10.95 -6.30
CA ALA A 124 20.63 11.53 -7.32
C ALA A 124 20.17 12.95 -7.67
N LEU A 125 18.92 13.26 -7.38
CA LEU A 125 18.39 14.58 -7.63
C LEU A 125 17.88 15.14 -6.30
N ASN A 126 18.50 14.64 -5.23
CA ASN A 126 18.22 15.02 -3.84
C ASN A 126 19.33 14.41 -2.95
N GLY A 127 19.91 15.21 -2.07
CA GLY A 127 20.96 14.70 -1.19
C GLY A 127 20.37 13.81 -0.11
N GLN A 128 19.21 13.25 -0.44
CA GLN A 128 18.43 12.37 0.43
C GLN A 128 18.91 12.12 1.84
N GLN A 129 18.03 12.46 2.78
CA GLN A 129 18.27 12.30 4.21
C GLN A 129 18.51 10.83 4.58
N THR A 130 19.33 10.63 5.61
CA THR A 130 19.66 9.29 6.09
C THR A 130 18.60 8.29 5.68
N LEU A 131 19.02 7.27 4.96
CA LEU A 131 18.11 6.25 4.52
C LEU A 131 18.96 5.24 3.77
N SER A 132 20.18 5.67 3.44
CA SER A 132 21.15 4.84 2.73
C SER A 132 20.57 3.53 2.21
N PRO A 133 20.61 3.34 0.89
CA PRO A 133 20.09 2.15 0.22
C PRO A 133 19.92 0.94 1.14
N GLU A 134 21.03 0.48 1.74
CA GLU A 134 21.00 -0.65 2.64
C GLU A 134 19.76 -0.53 3.54
N GLU A 135 19.71 0.55 4.31
CA GLU A 135 18.59 0.81 5.20
C GLU A 135 17.25 0.83 4.47
N PHE A 136 17.13 1.75 3.53
CA PHE A 136 15.93 1.94 2.72
C PHE A 136 15.36 0.65 2.17
N ILE A 137 16.08 0.06 1.23
CA ILE A 137 15.64 -1.17 0.57
C ILE A 137 15.03 -2.21 1.50
N ASN A 138 15.57 -2.34 2.72
CA ASN A 138 15.01 -3.32 3.65
C ASN A 138 13.71 -2.85 4.24
N LEU A 139 13.77 -1.77 5.01
CA LEU A 139 12.56 -1.21 5.61
C LEU A 139 11.45 -1.28 4.58
N VAL A 140 11.75 -0.81 3.37
CA VAL A 140 10.80 -0.82 2.27
C VAL A 140 10.30 -2.23 1.97
N PHE A 141 11.21 -3.18 1.95
CA PHE A 141 10.82 -4.54 1.65
C PHE A 141 10.08 -5.20 2.80
N HIS A 142 10.53 -4.99 4.03
CA HIS A 142 9.85 -5.60 5.17
C HIS A 142 8.38 -5.22 5.06
N LYS A 143 8.13 -3.91 5.13
CA LYS A 143 6.77 -3.42 5.07
C LYS A 143 5.96 -3.83 3.83
N ILE A 144 6.46 -3.52 2.64
CA ILE A 144 5.76 -3.80 1.39
C ILE A 144 5.77 -5.20 0.79
N ASP A 145 6.82 -5.97 1.03
CA ASP A 145 6.88 -7.31 0.46
C ASP A 145 5.99 -8.29 1.23
N ILE A 146 4.68 -8.12 1.06
CA ILE A 146 3.68 -8.94 1.72
C ILE A 146 4.04 -10.42 1.82
N ASN A 147 4.19 -11.11 0.70
CA ASN A 147 4.51 -12.54 0.75
C ASN A 147 5.99 -12.88 0.79
N ASN A 148 6.79 -11.92 1.25
CA ASN A 148 8.24 -12.08 1.38
C ASN A 148 8.94 -12.93 0.31
N ASP A 149 8.72 -12.62 -0.96
CA ASP A 149 9.37 -13.37 -2.04
C ASP A 149 10.59 -12.59 -2.49
N GLY A 150 10.77 -11.40 -1.92
CA GLY A 150 11.90 -10.56 -2.26
C GLY A 150 11.63 -9.65 -3.45
N GLU A 151 10.36 -9.60 -3.86
CA GLU A 151 9.94 -8.78 -4.99
C GLU A 151 8.60 -8.15 -4.70
N LEU A 152 8.50 -6.85 -4.92
CA LEU A 152 7.23 -6.19 -4.72
C LEU A 152 6.45 -6.41 -6.01
N THR A 153 5.25 -6.96 -5.91
CA THR A 153 4.45 -7.17 -7.10
C THR A 153 3.74 -5.85 -7.32
N LEU A 154 2.90 -5.78 -8.33
CA LEU A 154 2.21 -4.53 -8.55
C LEU A 154 1.35 -4.30 -7.31
N GLU A 155 0.69 -5.38 -6.87
CA GLU A 155 -0.19 -5.35 -5.71
C GLU A 155 0.56 -4.86 -4.49
N GLU A 156 1.68 -5.49 -4.19
CA GLU A 156 2.47 -5.08 -3.05
C GLU A 156 2.88 -3.63 -3.19
N PHE A 157 3.61 -3.30 -4.24
CA PHE A 157 4.06 -1.92 -4.43
C PHE A 157 2.98 -0.85 -4.27
N ILE A 158 1.94 -0.90 -5.11
CA ILE A 158 0.89 0.09 -5.02
C ILE A 158 0.35 0.14 -3.62
N ASN A 159 -0.16 -0.99 -3.16
CA ASN A 159 -0.74 -1.14 -1.83
C ASN A 159 0.32 -0.75 -0.80
N GLY A 160 1.50 -1.32 -0.92
CA GLY A 160 2.56 -0.98 0.01
C GLY A 160 2.70 0.53 0.12
N MET A 161 3.27 1.14 -0.92
CA MET A 161 3.49 2.57 -0.94
C MET A 161 2.29 3.35 -0.42
N ALA A 162 1.10 2.92 -0.80
CA ALA A 162 -0.12 3.61 -0.35
C ALA A 162 -0.23 3.67 1.18
N LYS A 163 -0.58 2.54 1.80
CA LYS A 163 -0.73 2.46 3.25
C LYS A 163 0.61 2.53 4.01
N ASP A 164 1.46 3.49 3.66
CA ASP A 164 2.74 3.62 4.35
C ASP A 164 3.39 4.95 4.04
N GLN A 165 2.55 5.95 3.81
CA GLN A 165 2.95 7.32 3.49
C GLN A 165 4.14 7.83 4.30
N ASP A 166 5.31 7.30 3.99
CA ASP A 166 6.55 7.69 4.65
C ASP A 166 7.55 7.49 3.53
N LEU A 167 7.56 6.24 3.05
CA LEU A 167 8.42 5.82 1.95
C LEU A 167 7.78 6.39 0.66
N LEU A 168 6.49 6.68 0.74
CA LEU A 168 5.79 7.26 -0.41
C LEU A 168 6.44 8.58 -0.84
N GLU A 169 6.97 9.35 0.11
CA GLU A 169 7.62 10.61 -0.22
C GLU A 169 8.92 10.30 -0.96
N ILE A 170 9.49 9.12 -0.69
CA ILE A 170 10.73 8.73 -1.37
C ILE A 170 10.38 8.49 -2.82
N VAL A 171 9.28 7.78 -3.05
CA VAL A 171 8.81 7.50 -4.40
C VAL A 171 8.59 8.86 -5.05
N TYR A 172 7.63 9.61 -4.53
CA TYR A 172 7.32 10.94 -5.06
C TYR A 172 8.55 11.75 -5.43
N LYS A 173 9.58 11.65 -4.62
CA LYS A 173 10.78 12.39 -4.91
C LYS A 173 11.33 11.96 -6.28
N SER A 174 11.16 10.70 -6.63
CA SER A 174 11.65 10.22 -7.92
C SER A 174 11.10 11.08 -9.03
N PHE A 175 9.80 11.35 -8.99
CA PHE A 175 9.20 12.26 -9.97
C PHE A 175 8.10 13.06 -9.33
N ASP A 176 8.44 14.31 -9.11
CA ASP A 176 7.59 15.30 -8.52
C ASP A 176 6.26 15.55 -9.25
N PHE A 177 5.32 14.61 -9.22
CA PHE A 177 4.06 14.91 -9.86
C PHE A 177 3.57 16.03 -8.96
N SER A 178 2.61 16.81 -9.42
CA SER A 178 2.11 17.92 -8.61
C SER A 178 3.03 19.12 -8.82
N ASN A 179 4.33 18.91 -8.68
CA ASN A 179 5.25 20.01 -8.93
C ASN A 179 4.91 20.23 -10.40
N VAL A 180 4.79 19.11 -11.11
CA VAL A 180 4.47 19.10 -12.53
C VAL A 180 3.07 19.64 -12.71
N LEU A 181 2.14 19.16 -11.89
CA LEU A 181 0.78 19.60 -11.97
C LEU A 181 0.76 21.11 -11.76
N ARG A 182 1.56 21.59 -10.81
CA ARG A 182 1.63 23.02 -10.53
C ARG A 182 2.03 23.81 -11.77
N VAL A 183 3.10 23.37 -12.42
CA VAL A 183 3.60 24.05 -13.61
C VAL A 183 2.71 23.98 -14.85
N ILE A 184 2.03 22.87 -15.08
CA ILE A 184 1.15 22.81 -16.24
C ILE A 184 -0.08 23.67 -15.94
N CYS A 185 -0.67 23.42 -14.76
CA CYS A 185 -1.84 24.16 -14.33
C CYS A 185 -1.45 25.49 -13.69
N ASN A 186 -0.61 26.26 -14.38
CA ASN A 186 -0.18 27.57 -13.90
C ASN A 186 -0.01 28.48 -15.11
N GLY A 187 1.01 28.20 -15.90
CA GLY A 187 1.24 28.98 -17.10
C GLY A 187 0.28 28.53 -18.18
N LYS A 188 -0.66 27.67 -17.79
CA LYS A 188 -1.67 27.12 -18.70
C LYS A 188 -2.56 28.20 -19.33
N TRP B 24 8.43 5.03 27.26
CA TRP B 24 8.12 3.98 28.25
C TRP B 24 6.64 3.64 28.04
N TYR B 25 6.39 2.46 27.49
CA TYR B 25 5.03 2.08 27.18
C TYR B 25 3.99 1.96 28.28
N ARG B 26 4.35 2.27 29.52
CA ARG B 26 3.36 2.29 30.60
C ARG B 26 2.60 3.60 30.40
N THR B 27 2.33 3.88 29.14
CA THR B 27 1.58 5.04 28.68
C THR B 27 0.25 4.33 28.58
N PHE B 28 0.31 3.04 28.88
CA PHE B 28 -0.84 2.17 28.88
C PHE B 28 -1.61 2.56 30.12
N MET B 29 -0.87 2.70 31.21
CA MET B 29 -1.46 3.10 32.48
C MET B 29 -2.17 4.43 32.40
N MET B 30 -1.71 5.29 31.50
CA MET B 30 -2.31 6.62 31.31
C MET B 30 -3.78 6.47 30.89
N GLU B 31 -4.02 5.76 29.80
CA GLU B 31 -5.36 5.52 29.26
C GLU B 31 -6.21 4.70 30.21
N TYR B 32 -5.58 3.69 30.81
CA TYR B 32 -6.25 2.78 31.72
C TYR B 32 -5.60 2.77 33.10
N PRO B 33 -5.90 3.78 33.92
CA PRO B 33 -5.36 3.91 35.28
C PRO B 33 -5.55 2.64 36.10
N SER B 34 -6.66 1.94 35.91
CA SER B 34 -6.92 0.73 36.66
C SER B 34 -5.95 -0.37 36.28
N GLY B 35 -5.30 -0.20 35.14
CA GLY B 35 -4.34 -1.20 34.65
C GLY B 35 -5.00 -2.24 33.75
N LEU B 36 -6.26 -2.02 33.41
CA LEU B 36 -7.00 -2.95 32.57
C LEU B 36 -7.81 -2.24 31.51
N GLN B 37 -7.79 -2.80 30.29
CA GLN B 37 -8.57 -2.24 29.19
C GLN B 37 -9.71 -3.21 28.91
N THR B 38 -10.94 -2.72 28.92
CA THR B 38 -12.09 -3.58 28.68
C THR B 38 -12.49 -3.54 27.22
N LEU B 39 -13.27 -4.53 26.81
CA LEU B 39 -13.74 -4.59 25.42
C LEU B 39 -14.53 -3.33 25.06
N HIS B 40 -15.29 -2.81 26.00
CA HIS B 40 -16.06 -1.62 25.70
C HIS B 40 -15.16 -0.45 25.33
N GLU B 41 -14.07 -0.30 26.06
CA GLU B 41 -13.16 0.81 25.80
C GLU B 41 -12.38 0.56 24.53
N PHE B 42 -12.07 -0.72 24.31
CA PHE B 42 -11.34 -1.14 23.13
C PHE B 42 -12.09 -0.59 21.94
N LYS B 43 -13.42 -0.66 21.99
CA LYS B 43 -14.23 -0.14 20.90
C LYS B 43 -14.25 1.38 20.93
N THR B 44 -14.71 1.97 22.03
CA THR B 44 -14.74 3.42 22.14
C THR B 44 -13.45 3.96 21.56
N LEU B 45 -12.34 3.34 21.97
CA LEU B 45 -11.02 3.74 21.53
C LEU B 45 -10.79 3.67 20.04
N LEU B 46 -11.15 2.55 19.41
CA LEU B 46 -10.94 2.41 17.98
C LEU B 46 -12.14 2.87 17.16
N GLY B 47 -13.09 3.52 17.81
CA GLY B 47 -14.28 3.98 17.12
C GLY B 47 -15.23 2.84 16.76
N LEU B 48 -14.79 1.60 16.91
CA LEU B 48 -15.63 0.44 16.57
C LEU B 48 -16.86 0.32 17.46
N GLN B 49 -17.29 1.44 18.01
CA GLN B 49 -18.47 1.45 18.87
C GLN B 49 -19.74 1.52 18.03
N GLY B 50 -20.85 1.04 18.58
CA GLY B 50 -22.12 1.10 17.87
C GLY B 50 -22.24 0.37 16.55
N LEU B 51 -21.61 -0.79 16.41
CA LEU B 51 -21.69 -1.58 15.18
C LEU B 51 -22.97 -2.42 15.19
N ASN B 52 -23.01 -3.53 14.45
CA ASN B 52 -24.22 -4.35 14.41
C ASN B 52 -23.95 -5.82 14.59
N GLN B 53 -24.86 -6.51 15.28
CA GLN B 53 -24.74 -7.94 15.55
C GLN B 53 -23.53 -8.60 14.88
N LYS B 54 -23.55 -8.72 13.55
CA LYS B 54 -22.47 -9.35 12.80
C LYS B 54 -21.11 -8.63 12.85
N ALA B 55 -21.11 -7.32 12.63
CA ALA B 55 -19.87 -6.53 12.66
C ALA B 55 -19.38 -6.43 14.09
N ASN B 56 -20.32 -6.09 14.97
CA ASN B 56 -20.01 -5.95 16.37
C ASN B 56 -19.62 -7.29 16.98
N LYS B 57 -19.83 -8.38 16.25
CA LYS B 57 -19.50 -9.69 16.76
C LYS B 57 -18.08 -10.02 16.36
N HIS B 58 -17.77 -9.77 15.09
CA HIS B 58 -16.43 -10.02 14.56
C HIS B 58 -15.42 -9.19 15.32
N ILE B 59 -15.82 -7.98 15.68
CA ILE B 59 -14.95 -7.07 16.43
C ILE B 59 -14.67 -7.62 17.80
N ASP B 60 -15.59 -8.39 18.35
CA ASP B 60 -15.37 -8.98 19.66
C ASP B 60 -14.41 -10.12 19.47
N GLN B 61 -14.48 -10.80 18.31
CA GLN B 61 -13.57 -11.91 18.08
C GLN B 61 -12.14 -11.37 17.94
N VAL B 62 -12.02 -10.12 17.51
CA VAL B 62 -10.73 -9.47 17.35
C VAL B 62 -10.19 -9.21 18.73
N TYR B 63 -10.99 -8.53 19.54
CA TYR B 63 -10.62 -8.22 20.91
C TYR B 63 -10.25 -9.47 21.65
N ASN B 64 -10.85 -10.58 21.26
CA ASN B 64 -10.55 -11.81 21.97
C ASN B 64 -9.17 -12.37 21.69
N THR B 65 -8.74 -12.33 20.43
CA THR B 65 -7.42 -12.85 20.06
C THR B 65 -6.35 -12.16 20.86
N PHE B 66 -6.69 -10.97 21.38
CA PHE B 66 -5.74 -10.18 22.17
C PHE B 66 -5.73 -10.49 23.65
N ASP B 67 -6.90 -10.68 24.23
CA ASP B 67 -6.99 -11.01 25.63
C ASP B 67 -6.59 -12.48 25.73
N THR B 68 -5.29 -12.75 25.70
CA THR B 68 -4.77 -14.12 25.72
C THR B 68 -5.18 -14.98 26.88
N ASN B 69 -5.32 -14.40 28.07
CA ASN B 69 -5.70 -15.20 29.23
C ASN B 69 -7.23 -15.15 29.41
N LYS B 70 -7.93 -14.83 28.34
CA LYS B 70 -9.39 -14.78 28.34
C LYS B 70 -10.04 -14.35 29.65
N ASP B 71 -9.49 -13.34 30.31
CA ASP B 71 -10.07 -12.87 31.57
C ASP B 71 -11.04 -11.73 31.38
N GLY B 72 -11.29 -11.35 30.13
CA GLY B 72 -12.21 -10.26 29.86
C GLY B 72 -11.53 -8.92 29.66
N PHE B 73 -10.27 -8.83 30.06
CA PHE B 73 -9.56 -7.60 29.92
C PHE B 73 -8.31 -7.78 29.13
N VAL B 74 -7.69 -6.65 28.86
CA VAL B 74 -6.43 -6.61 28.16
C VAL B 74 -5.55 -5.86 29.15
N ASP B 75 -4.70 -6.58 29.87
CA ASP B 75 -3.79 -5.98 30.83
C ASP B 75 -2.48 -5.64 30.15
N PHE B 76 -1.57 -5.01 30.87
CA PHE B 76 -0.32 -4.61 30.25
C PHE B 76 0.48 -5.69 29.54
N LEU B 77 0.53 -6.90 30.09
CA LEU B 77 1.29 -7.99 29.44
C LEU B 77 0.69 -8.26 28.11
N GLU B 78 -0.62 -8.39 28.11
CA GLU B 78 -1.36 -8.69 26.90
C GLU B 78 -1.23 -7.52 25.95
N PHE B 79 -1.39 -6.34 26.51
CA PHE B 79 -1.28 -5.11 25.77
C PHE B 79 0.00 -4.96 24.96
N ILE B 80 1.14 -5.20 25.61
CA ILE B 80 2.42 -5.09 24.95
C ILE B 80 2.44 -6.03 23.76
N ALA B 81 2.11 -7.29 24.02
CA ALA B 81 2.10 -8.29 22.98
C ALA B 81 1.26 -7.79 21.82
N ALA B 82 0.29 -6.95 22.12
CA ALA B 82 -0.57 -6.40 21.09
C ALA B 82 0.21 -5.35 20.31
N VAL B 83 0.62 -4.29 21.00
CA VAL B 83 1.35 -3.21 20.33
C VAL B 83 2.53 -3.74 19.54
N ASN B 84 3.17 -4.78 20.05
CA ASN B 84 4.29 -5.36 19.32
C ASN B 84 3.76 -5.72 17.96
N LEU B 85 2.79 -6.62 17.93
CA LEU B 85 2.17 -7.11 16.70
C LEU B 85 1.71 -5.97 15.80
N ILE B 86 1.07 -4.96 16.39
CA ILE B 86 0.59 -3.84 15.59
C ILE B 86 1.71 -2.99 14.96
N MET B 87 2.75 -2.66 15.73
CA MET B 87 3.87 -1.86 15.23
C MET B 87 4.81 -2.71 14.41
N GLN B 88 4.55 -4.00 14.38
CA GLN B 88 5.37 -4.95 13.63
C GLN B 88 5.76 -4.28 12.32
N GLU B 89 7.01 -4.41 11.92
CA GLU B 89 7.44 -3.79 10.68
C GLU B 89 7.11 -4.72 9.52
N LYS B 90 7.58 -5.95 9.58
CA LYS B 90 7.29 -6.91 8.54
C LYS B 90 5.83 -7.37 8.71
N MET B 91 5.14 -7.70 7.61
CA MET B 91 3.74 -8.16 7.67
C MET B 91 3.62 -9.52 8.32
N GLU B 92 4.63 -10.35 8.09
CA GLU B 92 4.74 -11.70 8.64
C GLU B 92 3.70 -12.09 9.70
N GLN B 93 3.91 -11.58 10.92
CA GLN B 93 3.02 -11.88 12.05
C GLN B 93 1.59 -11.39 11.90
N LYS B 94 1.40 -10.27 11.24
CA LYS B 94 0.07 -9.78 11.07
C LYS B 94 -0.73 -10.66 10.10
N LEU B 95 -0.08 -11.27 9.13
CA LEU B 95 -0.80 -12.13 8.19
C LEU B 95 -1.21 -13.39 8.94
N LYS B 96 -0.27 -13.97 9.67
CA LYS B 96 -0.53 -15.16 10.48
C LYS B 96 -1.75 -14.89 11.34
N TRP B 97 -1.81 -13.69 11.92
CA TRP B 97 -2.91 -13.29 12.78
C TRP B 97 -4.21 -13.35 12.00
N TYR B 98 -4.32 -12.54 10.95
CA TYR B 98 -5.51 -12.51 10.13
C TYR B 98 -5.90 -13.94 9.83
N PHE B 99 -4.97 -14.69 9.26
CA PHE B 99 -5.21 -16.06 8.90
C PHE B 99 -5.79 -16.89 10.05
N LYS B 100 -5.08 -16.94 11.18
CA LYS B 100 -5.55 -17.71 12.31
C LYS B 100 -6.98 -17.29 12.66
N LEU B 101 -7.23 -15.99 12.62
CA LEU B 101 -8.54 -15.44 12.94
C LEU B 101 -9.66 -15.92 12.05
N TYR B 102 -9.37 -16.18 10.78
CA TYR B 102 -10.40 -16.64 9.85
C TYR B 102 -10.54 -18.13 9.91
N ASP B 103 -9.42 -18.82 10.09
CA ASP B 103 -9.39 -20.26 10.22
C ASP B 103 -10.14 -20.55 11.52
N ALA B 104 -11.47 -20.56 11.43
CA ALA B 104 -12.33 -20.78 12.59
C ALA B 104 -12.18 -22.14 13.24
N ASP B 105 -12.35 -23.19 12.46
CA ASP B 105 -12.25 -24.55 12.95
C ASP B 105 -10.83 -24.93 13.38
N GLY B 106 -9.87 -24.05 13.12
CA GLY B 106 -8.50 -24.34 13.50
C GLY B 106 -7.89 -25.50 12.72
N ASN B 107 -8.47 -25.80 11.56
CA ASN B 107 -7.99 -26.89 10.71
C ASN B 107 -6.66 -26.52 10.08
N GLY B 108 -6.30 -25.24 10.14
CA GLY B 108 -5.05 -24.79 9.57
C GLY B 108 -5.16 -24.42 8.10
N SER B 109 -6.36 -24.03 7.67
CA SER B 109 -6.57 -23.66 6.28
C SER B 109 -7.95 -23.08 6.07
N ILE B 110 -8.01 -21.78 5.86
CA ILE B 110 -9.26 -21.08 5.63
C ILE B 110 -9.99 -21.71 4.44
N ASP B 111 -11.16 -22.31 4.71
CA ASP B 111 -11.96 -22.93 3.66
C ASP B 111 -12.88 -21.89 3.03
N LYS B 112 -13.80 -22.32 2.16
CA LYS B 112 -14.72 -21.40 1.50
C LYS B 112 -15.70 -20.74 2.47
N ASN B 113 -16.21 -21.53 3.42
CA ASN B 113 -17.17 -21.03 4.41
C ASN B 113 -16.57 -19.85 5.17
N GLU B 114 -15.54 -20.16 5.95
CA GLU B 114 -14.85 -19.16 6.75
C GLU B 114 -14.52 -17.91 5.92
N LEU B 115 -13.87 -18.12 4.78
CA LEU B 115 -13.52 -17.02 3.89
C LEU B 115 -14.77 -16.17 3.64
N LEU B 116 -15.92 -16.83 3.51
CA LEU B 116 -17.17 -16.12 3.26
C LEU B 116 -17.62 -15.37 4.51
N ASP B 117 -17.70 -16.11 5.62
CA ASP B 117 -18.11 -15.52 6.88
C ASP B 117 -17.32 -14.24 7.08
N MET B 118 -16.04 -14.30 6.73
CA MET B 118 -15.16 -13.16 6.87
C MET B 118 -15.59 -11.96 6.01
N PHE B 119 -15.68 -12.16 4.70
CA PHE B 119 -16.10 -11.06 3.81
C PHE B 119 -17.41 -10.51 4.33
N MET B 120 -18.25 -11.42 4.80
CA MET B 120 -19.54 -11.02 5.32
C MET B 120 -19.29 -10.05 6.47
N ALA B 121 -18.35 -10.40 7.33
CA ALA B 121 -18.01 -9.56 8.47
C ALA B 121 -17.41 -8.24 7.97
N VAL B 122 -16.59 -8.30 6.92
CA VAL B 122 -15.98 -7.08 6.38
C VAL B 122 -17.07 -6.19 5.80
N GLN B 123 -18.15 -6.82 5.35
CA GLN B 123 -19.28 -6.09 4.79
C GLN B 123 -20.06 -5.51 5.95
N ALA B 124 -19.98 -6.15 7.11
CA ALA B 124 -20.69 -5.69 8.30
C ALA B 124 -20.18 -4.34 8.84
N LEU B 125 -19.02 -3.91 8.39
CA LEU B 125 -18.46 -2.63 8.80
C LEU B 125 -17.87 -1.95 7.57
N ASN B 126 -18.56 -2.12 6.44
CA ASN B 126 -18.22 -1.57 5.12
C ASN B 126 -19.31 -2.01 4.13
N GLY B 127 -19.76 -1.12 3.24
CA GLY B 127 -20.79 -1.50 2.28
C GLY B 127 -20.20 -2.12 1.02
N GLN B 128 -19.03 -2.74 1.20
CA GLN B 128 -18.22 -3.40 0.16
C GLN B 128 -18.70 -3.45 -1.30
N GLN B 129 -17.74 -3.20 -2.20
CA GLN B 129 -17.97 -3.18 -3.64
C GLN B 129 -18.49 -4.51 -4.18
N THR B 130 -18.64 -4.58 -5.50
CA THR B 130 -19.13 -5.80 -6.13
C THR B 130 -18.28 -6.97 -5.65
N LEU B 131 -18.93 -7.96 -5.06
CA LEU B 131 -18.24 -9.14 -4.56
C LEU B 131 -19.22 -10.07 -3.83
N SER B 132 -20.51 -9.90 -4.11
CA SER B 132 -21.59 -10.70 -3.52
C SER B 132 -21.14 -12.14 -3.24
N PRO B 133 -21.83 -12.86 -2.32
CA PRO B 133 -21.47 -14.24 -1.97
C PRO B 133 -20.52 -14.96 -2.93
N GLU B 134 -21.05 -15.52 -4.01
CA GLU B 134 -20.22 -16.23 -4.99
C GLU B 134 -19.08 -15.36 -5.52
N GLU B 135 -19.43 -14.38 -6.35
CA GLU B 135 -18.46 -13.46 -6.95
C GLU B 135 -17.11 -13.42 -6.26
N PHE B 136 -17.11 -12.92 -5.03
CA PHE B 136 -15.89 -12.80 -4.25
C PHE B 136 -15.18 -14.12 -3.94
N ILE B 137 -15.91 -15.06 -3.35
CA ILE B 137 -15.32 -16.36 -2.99
C ILE B 137 -14.56 -16.99 -4.15
N ASN B 138 -15.20 -17.04 -5.32
CA ASN B 138 -14.61 -17.65 -6.52
C ASN B 138 -13.50 -16.80 -7.13
N LEU B 139 -13.87 -15.58 -7.52
CA LEU B 139 -12.94 -14.62 -8.10
C LEU B 139 -11.69 -14.53 -7.21
N VAL B 140 -11.82 -14.98 -5.97
CA VAL B 140 -10.73 -14.93 -5.01
C VAL B 140 -10.25 -16.28 -4.49
N PHE B 141 -11.13 -17.28 -4.43
CA PHE B 141 -10.69 -18.56 -3.91
C PHE B 141 -9.89 -19.36 -4.92
N HIS B 142 -10.18 -19.12 -6.20
CA HIS B 142 -9.46 -19.84 -7.23
C HIS B 142 -8.22 -19.06 -7.60
N LYS B 143 -8.36 -17.75 -7.70
CA LYS B 143 -7.23 -16.89 -8.01
C LYS B 143 -6.19 -17.04 -6.91
N ILE B 144 -6.55 -17.77 -5.84
CA ILE B 144 -5.65 -17.98 -4.69
C ILE B 144 -5.40 -19.44 -4.35
N ASP B 145 -6.45 -20.26 -4.42
CA ASP B 145 -6.29 -21.68 -4.12
C ASP B 145 -5.62 -22.36 -5.30
N ILE B 146 -4.30 -22.48 -5.24
CA ILE B 146 -3.54 -23.08 -6.33
C ILE B 146 -3.84 -24.58 -6.53
N ASN B 147 -3.36 -25.44 -5.64
CA ASN B 147 -3.62 -26.87 -5.77
C ASN B 147 -5.12 -27.12 -5.69
N ASN B 148 -5.87 -26.04 -5.56
CA ASN B 148 -7.33 -26.04 -5.46
C ASN B 148 -7.98 -27.23 -4.75
N ASP B 149 -7.97 -27.20 -3.43
CA ASP B 149 -8.57 -28.24 -2.61
C ASP B 149 -9.77 -27.65 -1.88
N GLY B 150 -10.22 -26.48 -2.36
CA GLY B 150 -11.34 -25.80 -1.72
C GLY B 150 -10.89 -25.38 -0.33
N GLU B 151 -9.62 -25.67 -0.06
CA GLU B 151 -8.94 -25.38 1.20
C GLU B 151 -7.93 -24.27 0.89
N LEU B 152 -7.61 -23.45 1.89
CA LEU B 152 -6.67 -22.35 1.68
C LEU B 152 -5.61 -22.30 2.78
N THR B 153 -4.40 -22.74 2.47
CA THR B 153 -3.30 -22.77 3.44
C THR B 153 -2.74 -21.39 3.74
N LEU B 154 -2.00 -21.28 4.84
CA LEU B 154 -1.41 -20.01 5.26
C LEU B 154 -0.38 -19.49 4.25
N GLU B 155 -0.01 -20.35 3.31
CA GLU B 155 0.96 -20.00 2.29
C GLU B 155 0.18 -19.44 1.11
N GLU B 156 -0.75 -20.23 0.60
CA GLU B 156 -1.58 -19.81 -0.50
C GLU B 156 -2.23 -18.50 -0.08
N PHE B 157 -2.52 -18.39 1.22
CA PHE B 157 -3.14 -17.19 1.75
C PHE B 157 -2.17 -16.04 1.63
N ILE B 158 -1.13 -16.09 2.44
CA ILE B 158 -0.11 -15.05 2.44
C ILE B 158 0.27 -14.66 1.02
N ASN B 159 0.24 -15.61 0.09
CA ASN B 159 0.59 -15.28 -1.28
C ASN B 159 -0.56 -14.58 -1.98
N GLY B 160 -1.74 -15.18 -1.93
CA GLY B 160 -2.88 -14.57 -2.57
C GLY B 160 -2.98 -13.11 -2.16
N MET B 161 -2.65 -12.87 -0.90
CA MET B 161 -2.67 -11.54 -0.32
C MET B 161 -1.80 -10.57 -1.11
N ALA B 162 -0.73 -11.07 -1.70
CA ALA B 162 0.16 -10.20 -2.46
C ALA B 162 -0.04 -10.28 -3.96
N LYS B 163 -1.18 -10.79 -4.40
CA LYS B 163 -1.44 -10.90 -5.83
C LYS B 163 -2.92 -10.82 -6.23
N ASP B 164 -3.79 -10.43 -5.30
CA ASP B 164 -5.22 -10.32 -5.62
C ASP B 164 -5.85 -9.16 -4.88
N GLN B 165 -5.37 -7.94 -5.14
CA GLN B 165 -5.84 -6.69 -4.52
C GLN B 165 -7.32 -6.74 -4.14
N ASP B 166 -8.04 -7.70 -4.70
CA ASP B 166 -9.45 -7.88 -4.40
C ASP B 166 -9.55 -8.31 -2.93
N LEU B 167 -8.85 -9.39 -2.54
CA LEU B 167 -8.90 -9.84 -1.16
C LEU B 167 -8.00 -8.99 -0.26
N LEU B 168 -6.79 -8.70 -0.74
CA LEU B 168 -5.87 -7.88 0.01
C LEU B 168 -6.65 -6.70 0.63
N GLU B 169 -7.43 -6.03 -0.22
CA GLU B 169 -8.23 -4.89 0.19
C GLU B 169 -9.25 -5.28 1.29
N ILE B 170 -9.86 -6.47 1.17
CA ILE B 170 -10.83 -6.91 2.17
C ILE B 170 -10.20 -7.35 3.47
N VAL B 171 -9.25 -8.26 3.39
CA VAL B 171 -8.55 -8.74 4.57
C VAL B 171 -8.16 -7.58 5.50
N TYR B 172 -7.38 -6.62 4.99
CA TYR B 172 -6.97 -5.48 5.80
C TYR B 172 -8.18 -4.70 6.29
N LYS B 173 -9.16 -4.56 5.40
CA LYS B 173 -10.36 -3.83 5.72
C LYS B 173 -10.99 -4.49 6.93
N SER B 174 -10.64 -5.76 7.14
CA SER B 174 -11.14 -6.54 8.27
C SER B 174 -10.66 -5.90 9.55
N PHE B 175 -9.37 -5.97 9.83
CA PHE B 175 -8.89 -5.28 11.01
C PHE B 175 -7.84 -4.33 10.53
N ASP B 176 -8.23 -3.07 10.59
CA ASP B 176 -7.43 -1.97 10.16
C ASP B 176 -5.96 -1.85 10.57
N PHE B 177 -5.65 -2.10 11.84
CA PHE B 177 -4.29 -1.88 12.39
C PHE B 177 -3.24 -1.43 11.45
N SER B 178 -3.44 -0.16 11.14
CA SER B 178 -2.66 0.73 10.29
C SER B 178 -3.26 1.96 10.93
N ASN B 179 -4.59 2.02 10.93
CA ASN B 179 -5.30 3.11 11.57
C ASN B 179 -4.96 2.88 13.03
N VAL B 180 -5.06 1.62 13.45
CA VAL B 180 -4.78 1.26 14.82
C VAL B 180 -3.40 1.75 15.24
N LEU B 181 -2.39 1.43 14.44
CA LEU B 181 -1.05 1.88 14.75
C LEU B 181 -1.04 3.41 14.82
N ARG B 182 -1.90 4.06 14.03
CA ARG B 182 -1.99 5.53 14.01
C ARG B 182 -2.60 6.08 15.29
N VAL B 183 -3.57 5.38 15.85
CA VAL B 183 -4.19 5.87 17.06
C VAL B 183 -3.26 5.58 18.22
N ILE B 184 -2.57 4.45 18.17
CA ILE B 184 -1.62 4.10 19.23
C ILE B 184 -0.59 5.24 19.33
N CYS B 185 0.10 5.46 18.22
CA CYS B 185 1.15 6.46 18.14
C CYS B 185 0.71 7.91 18.20
N ASN B 186 -0.56 8.17 17.95
CA ASN B 186 -1.06 9.55 18.03
C ASN B 186 -1.70 9.73 19.40
N GLY B 187 -1.19 8.95 20.35
CA GLY B 187 -1.65 8.97 21.72
C GLY B 187 -0.69 8.14 22.57
N LYS B 188 0.61 8.45 22.45
CA LYS B 188 1.68 7.75 23.16
C LYS B 188 2.32 8.64 24.25
CA CA C . 6.54 10.82 -29.47
CA CA D . 11.74 -6.39 -12.53
CA CA E . 6.39 -10.36 -2.87
CA CA F . -6.54 -10.33 29.94
CA CA G . -10.64 -23.50 8.56
CA CA H . -5.04 -25.01 -0.68
#